data_7RBK
#
_entry.id   7RBK
#
_cell.length_a   50.558
_cell.length_b   80.398
_cell.length_c   55.419
_cell.angle_alpha   90.000
_cell.angle_beta   107.640
_cell.angle_gamma   90.000
#
_symmetry.space_group_name_H-M   'P 1 21 1'
#
loop_
_entity.id
_entity.type
_entity.pdbx_description
1 polymer 'DNA polymerase beta'
2 polymer "DNA (5'-D(*GP*TP*CP*GP*G)-3')"
3 polymer "DNA (5'-D(*GP*CP*TP*GP*AP*TP*GP*CP*GP*CP*C)-3')"
4 polymer "DNA (5'-D(P*CP*CP*GP*AP*CP*GP*GP*CP*GP*CP*AP*TP*CP*AP*GP*C)-3')"
5 non-polymer 2-deoxy-3,5-di-O-phosphono-D-erythro-pentitol
6 non-polymer "2'-DEOXYCYTIDINE-5'-TRIPHOSPHATE"
7 non-polymer 'MAGNESIUM ION'
8 non-polymer PYROPHOSPHATE
9 water water
#
loop_
_entity_poly.entity_id
_entity_poly.type
_entity_poly.pdbx_seq_one_letter_code
_entity_poly.pdbx_strand_id
1 'polypeptide(L)'
;MSKRKAPQETLNGGITDMLTELANFEKNVSQAIHKYNAYRKAASVIAKYPHKIKSGAEAKKLPGVGTKIAEKIDEFLATG
KLRKLEKIRQDDTSSSINFLTRVSGIGPSAARKFVDEGIKTLEDLRKNEDKLNHHQRIGLKYFGDFEKRIPREEMLQMQD
IVLNEVKKVDSEYIATVCGSFRRGAESSGDMDVLLTHPSFTSESTKQPKLLHQVVEQLQKVHFITDTLSKGETKFMGVCQ
LPSKNDEKEYPHRRIDIRLIPKDQYYCGVLYFTGSDIFNKNMRAHALEKGFTINEYTIRPLGVTGVAGEPLPVDSEKDIF
DYIQWKYREPKDRSEHHHHHH
;
A
2 'polydeoxyribonucleotide' (DG)(DT)(DC)(DG)(DG) D
3 'polydeoxyribonucleotide' (DG)(DC)(DT)(DG)(DA)(DT)(DG)(DC)(DG)(DC)(DC) P
4 'polydeoxyribonucleotide' (DC)(DC)(DG)(DA)(DC)(DG)(DG)(DC)(DG)(DC)(DA)(DT)(DC)(DA)(DG)(DC) T
#
# COMPACT_ATOMS: atom_id res chain seq x y z
N THR A 10 -1.80 -13.09 -17.29
CA THR A 10 -0.34 -12.83 -17.17
C THR A 10 0.27 -12.66 -18.57
N LEU A 11 -0.25 -11.71 -19.36
CA LEU A 11 0.08 -11.51 -20.79
C LEU A 11 1.57 -11.18 -20.96
N ASN A 12 2.05 -10.12 -20.29
CA ASN A 12 3.48 -9.72 -20.24
C ASN A 12 4.01 -9.96 -18.83
N GLY A 13 3.67 -11.11 -18.24
CA GLY A 13 4.01 -11.50 -16.86
C GLY A 13 5.50 -11.51 -16.60
N GLY A 14 6.28 -12.16 -17.47
CA GLY A 14 7.76 -12.24 -17.38
C GLY A 14 8.40 -10.88 -17.25
N ILE A 15 8.03 -9.93 -18.10
CA ILE A 15 8.57 -8.54 -18.13
C ILE A 15 8.18 -7.80 -16.84
N THR A 16 6.91 -7.87 -16.42
CA THR A 16 6.39 -7.11 -15.24
C THR A 16 7.01 -7.67 -13.96
N ASP A 17 7.22 -9.00 -13.89
CA ASP A 17 7.91 -9.68 -12.76
C ASP A 17 9.36 -9.20 -12.67
N MET A 18 10.07 -9.18 -13.81
CA MET A 18 11.48 -8.69 -13.92
C MET A 18 11.56 -7.25 -13.43
N LEU A 19 10.65 -6.39 -13.87
CA LEU A 19 10.66 -4.93 -13.52
C LEU A 19 10.37 -4.76 -12.03
N THR A 20 9.40 -5.51 -11.48
CA THR A 20 9.05 -5.50 -10.03
C THR A 20 10.28 -5.91 -9.21
N GLU A 21 10.97 -6.97 -9.62
CA GLU A 21 12.16 -7.51 -8.91
C GLU A 21 13.26 -6.45 -8.92
N LEU A 22 13.45 -5.76 -10.06
CA LEU A 22 14.42 -4.65 -10.20
C LEU A 22 14.01 -3.48 -9.31
N ALA A 23 12.71 -3.15 -9.25
CA ALA A 23 12.16 -2.08 -8.40
C ALA A 23 12.52 -2.37 -6.93
N ASN A 24 12.21 -3.59 -6.47
CA ASN A 24 12.44 -4.02 -5.06
C ASN A 24 13.94 -3.92 -4.73
N PHE A 25 14.82 -4.29 -5.67
CA PHE A 25 16.30 -4.17 -5.50
C PHE A 25 16.68 -2.71 -5.28
N GLU A 26 16.20 -1.81 -6.13
CA GLU A 26 16.56 -0.37 -6.09
C GLU A 26 16.04 0.26 -4.79
N LYS A 27 14.87 -0.17 -4.28
CA LYS A 27 14.29 0.34 -3.02
C LYS A 27 15.06 -0.24 -1.82
N ASN A 28 15.21 -1.56 -1.79
CA ASN A 28 15.65 -2.32 -0.58
C ASN A 28 17.18 -2.26 -0.43
N VAL A 29 17.93 -2.36 -1.54
CA VAL A 29 19.41 -2.57 -1.52
C VAL A 29 20.11 -1.24 -1.85
N SER A 30 19.77 -0.63 -2.98
CA SER A 30 20.39 0.64 -3.48
C SER A 30 19.84 1.85 -2.72
N GLN A 31 18.64 1.73 -2.13
CA GLN A 31 17.93 2.87 -1.47
CA GLN A 31 17.93 2.87 -1.47
C GLN A 31 17.80 4.01 -2.48
N ALA A 32 17.30 3.71 -3.67
CA ALA A 32 17.06 4.65 -4.79
C ALA A 32 15.56 4.71 -5.10
N ILE A 33 14.83 5.51 -4.32
CA ILE A 33 13.34 5.56 -4.31
C ILE A 33 12.80 5.94 -5.70
N HIS A 34 13.51 6.81 -6.44
CA HIS A 34 13.06 7.33 -7.76
C HIS A 34 13.23 6.23 -8.82
N LYS A 35 14.29 5.44 -8.73
CA LYS A 35 14.53 4.27 -9.62
C LYS A 35 13.48 3.19 -9.32
N TYR A 36 13.13 3.02 -8.04
CA TYR A 36 12.04 2.11 -7.60
C TYR A 36 10.74 2.55 -8.27
N ASN A 37 10.40 3.83 -8.14
CA ASN A 37 9.14 4.43 -8.70
C ASN A 37 9.16 4.31 -10.22
N ALA A 38 10.32 4.49 -10.87
CA ALA A 38 10.49 4.40 -12.33
C ALA A 38 10.17 2.96 -12.80
N TYR A 39 10.65 1.94 -12.08
CA TYR A 39 10.44 0.51 -12.43
C TYR A 39 8.97 0.12 -12.19
N ARG A 40 8.35 0.57 -11.10
CA ARG A 40 6.92 0.26 -10.75
C ARG A 40 6.03 0.90 -11.82
N LYS A 41 6.30 2.15 -12.19
CA LYS A 41 5.53 2.90 -13.22
C LYS A 41 5.58 2.11 -14.53
N ALA A 42 6.77 1.70 -14.96
CA ALA A 42 7.04 0.94 -16.19
C ALA A 42 6.30 -0.40 -16.12
N ALA A 43 6.42 -1.12 -14.98
CA ALA A 43 5.73 -2.39 -14.73
C ALA A 43 4.20 -2.21 -14.91
N SER A 44 3.66 -1.12 -14.36
CA SER A 44 2.21 -0.81 -14.37
C SER A 44 1.72 -0.57 -15.80
N VAL A 45 2.43 0.25 -16.58
CA VAL A 45 2.01 0.62 -17.96
C VAL A 45 2.08 -0.64 -18.84
N ILE A 46 3.08 -1.50 -18.65
CA ILE A 46 3.27 -2.73 -19.46
C ILE A 46 2.17 -3.74 -19.11
N ALA A 47 1.73 -3.79 -17.86
CA ALA A 47 0.68 -4.72 -17.37
C ALA A 47 -0.67 -4.41 -18.06
N LYS A 48 -0.94 -3.13 -18.33
CA LYS A 48 -2.22 -2.65 -18.94
C LYS A 48 -2.17 -2.81 -20.47
N TYR A 49 -0.97 -2.86 -21.07
CA TYR A 49 -0.74 -2.98 -22.53
C TYR A 49 -1.39 -4.28 -23.03
N PRO A 50 -2.45 -4.19 -23.87
CA PRO A 50 -3.24 -5.38 -24.24
C PRO A 50 -2.67 -6.21 -25.40
N HIS A 51 -1.36 -6.10 -25.69
CA HIS A 51 -0.62 -6.93 -26.68
C HIS A 51 0.54 -7.65 -25.99
N LYS A 52 0.91 -8.84 -26.50
CA LYS A 52 2.18 -9.51 -26.16
C LYS A 52 3.32 -8.66 -26.75
N ILE A 53 4.16 -8.07 -25.89
CA ILE A 53 5.32 -7.23 -26.33
C ILE A 53 6.31 -8.13 -27.06
N LYS A 54 6.71 -7.74 -28.28
CA LYS A 54 7.58 -8.51 -29.20
C LYS A 54 9.04 -8.07 -29.06
N SER A 55 9.27 -6.77 -28.81
CA SER A 55 10.62 -6.15 -28.73
C SER A 55 10.65 -5.03 -27.69
N GLY A 56 11.85 -4.58 -27.32
CA GLY A 56 12.08 -3.41 -26.46
C GLY A 56 11.59 -2.13 -27.11
N ALA A 57 11.79 -1.99 -28.42
CA ALA A 57 11.37 -0.83 -29.26
C ALA A 57 9.85 -0.63 -29.16
N GLU A 58 9.09 -1.72 -29.10
CA GLU A 58 7.60 -1.70 -28.93
C GLU A 58 7.27 -1.18 -27.53
N ALA A 59 7.94 -1.71 -26.51
CA ALA A 59 7.78 -1.30 -25.09
C ALA A 59 8.15 0.18 -24.93
N LYS A 60 9.19 0.64 -25.63
CA LYS A 60 9.78 2.00 -25.51
C LYS A 60 8.74 3.07 -25.88
N LYS A 61 7.74 2.73 -26.70
CA LYS A 61 6.66 3.66 -27.15
C LYS A 61 5.71 3.99 -25.99
N LEU A 62 5.66 3.15 -24.95
CA LEU A 62 4.79 3.35 -23.75
C LEU A 62 5.41 4.41 -22.84
N PRO A 63 4.59 5.24 -22.15
CA PRO A 63 5.09 6.25 -21.22
C PRO A 63 5.63 5.62 -19.93
N GLY A 64 6.87 5.96 -19.56
CA GLY A 64 7.58 5.40 -18.39
C GLY A 64 8.57 4.32 -18.77
N VAL A 65 8.57 3.89 -20.04
CA VAL A 65 9.57 2.92 -20.60
C VAL A 65 10.52 3.69 -21.51
N GLY A 66 11.78 3.85 -21.07
CA GLY A 66 12.87 4.53 -21.80
C GLY A 66 13.86 3.55 -22.38
N THR A 67 15.10 4.00 -22.61
CA THR A 67 16.17 3.27 -23.35
C THR A 67 16.65 2.06 -22.54
N LYS A 68 16.83 2.22 -21.23
CA LYS A 68 17.45 1.20 -20.34
C LYS A 68 16.49 0.04 -20.14
N ILE A 69 15.20 0.32 -19.93
CA ILE A 69 14.15 -0.73 -19.73
C ILE A 69 13.91 -1.46 -21.06
N ALA A 70 13.89 -0.72 -22.19
CA ALA A 70 13.82 -1.28 -23.56
C ALA A 70 14.94 -2.31 -23.75
N GLU A 71 16.17 -1.95 -23.36
CA GLU A 71 17.37 -2.83 -23.45
C GLU A 71 17.18 -4.03 -22.51
N LYS A 72 16.72 -3.87 -21.34
CA LYS A 72 16.47 -5.03 -20.43
C LYS A 72 15.36 -5.89 -20.98
N ILE A 73 14.33 -5.49 -21.62
CA ILE A 73 13.22 -6.27 -22.24
C ILE A 73 13.75 -7.10 -23.41
N ASP A 74 14.60 -6.52 -24.27
CA ASP A 74 15.24 -7.22 -25.42
C ASP A 74 16.07 -8.40 -24.88
N GLU A 75 16.92 -8.14 -23.89
CA GLU A 75 17.73 -9.17 -23.18
C GLU A 75 16.80 -10.26 -22.66
N PHE A 76 15.72 -9.90 -21.97
CA PHE A 76 14.78 -10.84 -21.31
C PHE A 76 14.09 -11.71 -22.38
N LEU A 77 13.59 -11.10 -23.45
CA LEU A 77 12.86 -11.80 -24.54
C LEU A 77 13.80 -12.76 -25.27
N ALA A 78 15.09 -12.41 -25.37
CA ALA A 78 16.14 -13.22 -26.03
C ALA A 78 16.52 -14.42 -25.15
N THR A 79 16.92 -14.17 -23.89
CA THR A 79 17.56 -15.15 -22.97
C THR A 79 16.56 -15.75 -21.98
N GLY A 80 15.42 -15.09 -21.76
CA GLY A 80 14.40 -15.52 -20.78
C GLY A 80 14.77 -15.12 -19.35
N LYS A 81 15.80 -14.28 -19.19
CA LYS A 81 16.32 -13.87 -17.86
C LYS A 81 17.14 -12.58 -18.01
N LEU A 82 17.61 -12.05 -16.88
CA LEU A 82 18.41 -10.79 -16.80
C LEU A 82 19.66 -11.05 -15.96
N ARG A 83 20.84 -10.96 -16.58
CA ARG A 83 22.15 -11.18 -15.92
C ARG A 83 22.22 -10.35 -14.63
N LYS A 84 21.73 -9.10 -14.67
CA LYS A 84 21.71 -8.17 -13.51
C LYS A 84 20.96 -8.84 -12.33
N LEU A 85 19.79 -9.42 -12.59
CA LEU A 85 18.97 -10.09 -11.55
C LEU A 85 19.62 -11.42 -11.14
N GLU A 86 20.11 -12.21 -12.10
CA GLU A 86 20.83 -13.48 -11.86
C GLU A 86 21.95 -13.23 -10.82
N LYS A 87 22.67 -12.12 -10.95
CA LYS A 87 23.79 -11.73 -10.05
C LYS A 87 23.25 -11.25 -8.69
N ILE A 88 22.19 -10.43 -8.69
CA ILE A 88 21.55 -9.93 -7.44
C ILE A 88 21.06 -11.12 -6.60
N ARG A 89 20.47 -12.13 -7.27
CA ARG A 89 19.92 -13.35 -6.62
C ARG A 89 21.04 -14.17 -5.95
N GLN A 90 22.26 -14.14 -6.52
CA GLN A 90 23.41 -14.98 -6.09
C GLN A 90 24.34 -14.20 -5.14
N ASP A 91 24.04 -12.92 -4.86
CA ASP A 91 24.81 -12.07 -3.91
C ASP A 91 24.17 -12.16 -2.51
N ASP A 92 24.96 -12.56 -1.51
CA ASP A 92 24.50 -12.85 -0.12
C ASP A 92 23.90 -11.60 0.53
N THR A 93 24.58 -10.45 0.45
CA THR A 93 24.20 -9.18 1.12
C THR A 93 22.88 -8.66 0.52
N SER A 94 22.77 -8.61 -0.81
CA SER A 94 21.55 -8.18 -1.54
C SER A 94 20.39 -9.12 -1.20
N SER A 95 20.62 -10.43 -1.24
CA SER A 95 19.61 -11.48 -0.97
CA SER A 95 19.61 -11.49 -0.96
C SER A 95 19.14 -11.38 0.49
N SER A 96 20.08 -11.18 1.42
CA SER A 96 19.81 -11.05 2.88
C SER A 96 18.93 -9.82 3.14
N ILE A 97 19.29 -8.67 2.58
CA ILE A 97 18.55 -7.38 2.75
C ILE A 97 17.13 -7.55 2.19
N ASN A 98 16.98 -8.17 1.02
CA ASN A 98 15.66 -8.38 0.35
CA ASN A 98 15.66 -8.37 0.35
C ASN A 98 14.77 -9.22 1.27
N PHE A 99 15.31 -10.28 1.87
CA PHE A 99 14.55 -11.15 2.81
C PHE A 99 14.09 -10.35 4.03
N LEU A 100 15.03 -9.69 4.71
CA LEU A 100 14.75 -8.96 5.99
C LEU A 100 13.70 -7.87 5.77
N THR A 101 13.68 -7.24 4.59
CA THR A 101 12.74 -6.14 4.24
C THR A 101 11.29 -6.66 4.16
N ARG A 102 11.10 -7.97 4.04
CA ARG A 102 9.76 -8.60 4.00
C ARG A 102 9.14 -8.66 5.41
N VAL A 103 9.95 -8.44 6.45
CA VAL A 103 9.46 -8.32 7.86
C VAL A 103 8.90 -6.91 8.03
N SER A 104 7.64 -6.79 8.47
CA SER A 104 6.99 -5.50 8.78
C SER A 104 7.80 -4.79 9.86
N GLY A 105 8.18 -3.53 9.61
CA GLY A 105 8.98 -2.71 10.53
C GLY A 105 10.46 -2.69 10.14
N ILE A 106 10.92 -3.61 9.29
CA ILE A 106 12.31 -3.63 8.75
C ILE A 106 12.29 -3.04 7.33
N GLY A 107 12.77 -1.81 7.19
CA GLY A 107 12.99 -1.17 5.88
C GLY A 107 14.43 -1.34 5.40
N PRO A 108 14.82 -0.63 4.32
CA PRO A 108 16.16 -0.74 3.75
C PRO A 108 17.29 -0.44 4.75
N SER A 109 17.12 0.57 5.59
CA SER A 109 18.14 1.05 6.57
C SER A 109 18.35 -0.03 7.64
N ALA A 110 17.28 -0.43 8.34
CA ALA A 110 17.31 -1.44 9.43
C ALA A 110 17.87 -2.77 8.89
N ALA A 111 17.49 -3.15 7.67
CA ALA A 111 17.89 -4.43 7.03
C ALA A 111 19.42 -4.47 6.86
N ARG A 112 19.99 -3.39 6.30
CA ARG A 112 21.45 -3.26 6.05
CA ARG A 112 21.45 -3.27 6.06
C ARG A 112 22.20 -3.26 7.39
N LYS A 113 21.63 -2.62 8.41
CA LYS A 113 22.17 -2.59 9.81
C LYS A 113 22.25 -4.02 10.35
N PHE A 114 21.17 -4.79 10.24
CA PHE A 114 21.07 -6.19 10.75
C PHE A 114 22.07 -7.10 10.04
N VAL A 115 22.24 -6.95 8.72
CA VAL A 115 23.17 -7.77 7.90
C VAL A 115 24.61 -7.51 8.34
N ASP A 116 24.93 -6.27 8.74
CA ASP A 116 26.26 -5.86 9.26
C ASP A 116 26.51 -6.50 10.62
N GLU A 117 25.46 -6.73 11.42
CA GLU A 117 25.54 -7.34 12.77
C GLU A 117 25.49 -8.88 12.67
N GLY A 118 25.41 -9.43 11.45
CA GLY A 118 25.42 -10.88 11.18
C GLY A 118 24.03 -11.50 11.21
N ILE A 119 22.99 -10.68 11.40
CA ILE A 119 21.56 -11.12 11.42
C ILE A 119 21.03 -11.08 9.98
N LYS A 120 20.94 -12.25 9.33
CA LYS A 120 20.65 -12.39 7.88
C LYS A 120 19.51 -13.38 7.60
N THR A 121 19.03 -14.13 8.60
CA THR A 121 18.03 -15.21 8.43
C THR A 121 16.90 -15.08 9.45
N LEU A 122 15.86 -15.91 9.31
CA LEU A 122 14.67 -15.97 10.21
C LEU A 122 15.12 -16.44 11.60
N GLU A 123 16.01 -17.44 11.66
CA GLU A 123 16.58 -17.98 12.92
C GLU A 123 17.39 -16.88 13.61
N ASP A 124 18.18 -16.11 12.85
CA ASP A 124 18.99 -14.97 13.37
C ASP A 124 18.05 -13.94 14.03
N LEU A 125 16.90 -13.66 13.41
CA LEU A 125 15.90 -12.68 13.92
C LEU A 125 15.31 -13.19 15.24
N ARG A 126 14.92 -14.47 15.30
CA ARG A 126 14.26 -15.10 16.49
C ARG A 126 15.26 -15.20 17.65
N LYS A 127 16.55 -15.35 17.36
CA LYS A 127 17.64 -15.44 18.36
C LYS A 127 17.94 -14.04 18.93
N ASN A 128 17.51 -12.98 18.25
CA ASN A 128 17.92 -11.57 18.55
C ASN A 128 16.69 -10.67 18.66
N GLU A 129 15.57 -11.17 19.20
CA GLU A 129 14.31 -10.40 19.41
C GLU A 129 14.60 -9.14 20.23
N ASP A 130 15.53 -9.22 21.18
CA ASP A 130 15.99 -8.09 22.03
C ASP A 130 16.42 -6.91 21.15
N LYS A 131 16.96 -7.18 19.95
CA LYS A 131 17.50 -6.16 19.01
C LYS A 131 16.37 -5.53 18.15
N LEU A 132 15.13 -6.03 18.24
CA LEU A 132 13.97 -5.56 17.43
C LEU A 132 13.14 -4.57 18.25
N ASN A 133 12.63 -3.50 17.61
CA ASN A 133 11.60 -2.60 18.19
C ASN A 133 10.25 -3.34 18.15
N HIS A 134 9.21 -2.74 18.74
CA HIS A 134 7.87 -3.38 18.93
C HIS A 134 7.28 -3.80 17.58
N HIS A 135 7.19 -2.86 16.63
CA HIS A 135 6.69 -3.11 15.25
C HIS A 135 7.39 -4.35 14.68
N GLN A 136 8.72 -4.38 14.72
CA GLN A 136 9.59 -5.44 14.15
C GLN A 136 9.33 -6.77 14.88
N ARG A 137 9.12 -6.74 16.20
CA ARG A 137 8.77 -7.95 17.01
C ARG A 137 7.47 -8.57 16.48
N ILE A 138 6.44 -7.75 16.22
CA ILE A 138 5.10 -8.22 15.74
C ILE A 138 5.22 -8.67 14.27
N GLY A 139 6.02 -7.98 13.46
CA GLY A 139 6.33 -8.39 12.07
C GLY A 139 6.96 -9.79 12.02
N LEU A 140 7.90 -10.06 12.92
CA LEU A 140 8.57 -11.39 13.05
C LEU A 140 7.55 -12.44 13.51
N LYS A 141 6.76 -12.12 14.54
CA LYS A 141 5.77 -13.03 15.16
C LYS A 141 4.82 -13.56 14.08
N TYR A 142 4.32 -12.69 13.20
CA TYR A 142 3.27 -13.02 12.21
C TYR A 142 3.85 -13.06 10.78
N PHE A 143 5.16 -13.26 10.64
CA PHE A 143 5.88 -13.20 9.34
C PHE A 143 5.14 -14.06 8.32
N GLY A 144 4.86 -15.31 8.67
CA GLY A 144 4.13 -16.27 7.81
C GLY A 144 2.73 -15.77 7.45
N ASP A 145 1.95 -15.37 8.44
CA ASP A 145 0.54 -14.91 8.28
C ASP A 145 0.48 -13.72 7.33
N PHE A 146 1.38 -12.74 7.46
CA PHE A 146 1.35 -11.46 6.70
C PHE A 146 1.72 -11.72 5.23
N GLU A 147 2.43 -12.80 4.92
CA GLU A 147 2.72 -13.23 3.53
C GLU A 147 1.43 -13.62 2.82
N LYS A 148 0.47 -14.23 3.55
CA LYS A 148 -0.78 -14.79 2.99
C LYS A 148 -1.74 -13.66 2.61
N ARG A 149 -2.40 -13.77 1.45
CA ARG A 149 -3.46 -12.83 1.00
C ARG A 149 -4.79 -13.24 1.63
N ILE A 150 -5.75 -12.31 1.69
CA ILE A 150 -7.10 -12.52 2.30
C ILE A 150 -8.10 -12.73 1.17
N PRO A 151 -8.77 -13.90 1.09
CA PRO A 151 -9.86 -14.08 0.12
C PRO A 151 -10.98 -13.05 0.37
N ARG A 152 -11.66 -12.62 -0.68
CA ARG A 152 -12.76 -11.62 -0.59
C ARG A 152 -13.82 -12.10 0.42
N GLU A 153 -14.10 -13.41 0.43
N GLU A 153 -14.10 -13.41 0.45
CA GLU A 153 -15.08 -14.07 1.33
CA GLU A 153 -15.11 -14.03 1.35
C GLU A 153 -14.75 -13.73 2.79
C GLU A 153 -14.76 -13.71 2.81
N GLU A 154 -13.47 -13.78 3.18
CA GLU A 154 -13.00 -13.44 4.54
C GLU A 154 -13.05 -11.92 4.76
N MET A 155 -12.76 -11.13 3.73
CA MET A 155 -12.84 -9.64 3.78
C MET A 155 -14.28 -9.23 4.07
N LEU A 156 -15.26 -9.88 3.44
CA LEU A 156 -16.71 -9.65 3.67
C LEU A 156 -17.06 -9.96 5.14
N GLN A 157 -16.50 -11.02 5.72
CA GLN A 157 -16.71 -11.39 7.15
C GLN A 157 -16.09 -10.32 8.05
N MET A 158 -14.88 -9.86 7.73
CA MET A 158 -14.14 -8.83 8.51
C MET A 158 -14.92 -7.50 8.44
N GLN A 159 -15.43 -7.15 7.25
CA GLN A 159 -16.29 -5.96 7.02
C GLN A 159 -17.49 -6.00 7.98
N ASP A 160 -18.20 -7.13 8.02
CA ASP A 160 -19.42 -7.32 8.86
C ASP A 160 -19.07 -7.05 10.33
N ILE A 161 -17.97 -7.61 10.82
CA ILE A 161 -17.50 -7.42 12.22
C ILE A 161 -17.22 -5.92 12.46
N VAL A 162 -16.34 -5.31 11.66
CA VAL A 162 -15.90 -3.90 11.88
C VAL A 162 -17.12 -2.97 11.87
N LEU A 163 -17.95 -3.04 10.82
CA LEU A 163 -19.09 -2.10 10.63
C LEU A 163 -20.11 -2.25 11.77
N ASN A 164 -20.39 -3.48 12.20
CA ASN A 164 -21.35 -3.77 13.29
C ASN A 164 -20.76 -3.31 14.64
N GLU A 165 -19.46 -3.55 14.86
CA GLU A 165 -18.77 -3.17 16.12
C GLU A 165 -18.68 -1.63 16.22
N VAL A 166 -18.40 -0.96 15.09
CA VAL A 166 -18.31 0.53 15.03
C VAL A 166 -19.68 1.13 15.34
N LYS A 167 -20.75 0.55 14.77
CA LYS A 167 -22.16 0.97 14.96
C LYS A 167 -22.54 0.87 16.45
N LYS A 168 -22.02 -0.11 17.18
CA LYS A 168 -22.31 -0.35 18.62
C LYS A 168 -21.75 0.79 19.48
N VAL A 169 -20.57 1.32 19.11
CA VAL A 169 -19.87 2.40 19.87
C VAL A 169 -20.67 3.70 19.73
N ASP A 170 -21.10 4.03 18.51
CA ASP A 170 -21.90 5.25 18.19
C ASP A 170 -22.40 5.13 16.75
N SER A 171 -23.72 5.16 16.56
CA SER A 171 -24.42 4.96 15.25
C SER A 171 -24.09 6.09 14.27
N GLU A 172 -23.42 7.16 14.70
CA GLU A 172 -23.04 8.31 13.85
C GLU A 172 -21.72 8.03 13.11
N TYR A 173 -20.90 7.09 13.59
CA TYR A 173 -19.70 6.60 12.86
C TYR A 173 -20.14 5.98 11.52
N ILE A 174 -19.43 6.29 10.44
CA ILE A 174 -19.50 5.53 9.16
C ILE A 174 -18.10 4.95 8.88
N ALA A 175 -18.01 3.63 8.74
CA ALA A 175 -16.76 2.90 8.39
C ALA A 175 -16.90 2.37 6.97
N THR A 176 -15.90 2.63 6.13
CA THR A 176 -15.82 2.19 4.71
C THR A 176 -14.54 1.39 4.53
N VAL A 177 -14.64 0.13 4.09
CA VAL A 177 -13.47 -0.71 3.73
C VAL A 177 -12.98 -0.26 2.36
N CYS A 178 -11.72 0.18 2.26
CA CYS A 178 -11.12 0.72 1.01
C CYS A 178 -10.03 -0.26 0.51
N GLY A 179 -8.91 0.26 -0.01
CA GLY A 179 -7.84 -0.56 -0.61
C GLY A 179 -8.36 -1.41 -1.76
N SER A 180 -7.71 -2.55 -2.01
CA SER A 180 -8.03 -3.48 -3.12
C SER A 180 -9.48 -3.98 -2.99
N PHE A 181 -10.02 -4.07 -1.77
CA PHE A 181 -11.42 -4.53 -1.52
C PHE A 181 -12.41 -3.63 -2.28
N ARG A 182 -12.29 -2.30 -2.12
CA ARG A 182 -13.22 -1.32 -2.76
C ARG A 182 -12.98 -1.30 -4.28
N ARG A 183 -11.78 -1.68 -4.72
CA ARG A 183 -11.44 -1.86 -6.16
C ARG A 183 -12.00 -3.21 -6.67
N GLY A 184 -12.64 -3.99 -5.79
CA GLY A 184 -13.37 -5.22 -6.14
C GLY A 184 -12.46 -6.42 -6.37
N ALA A 185 -11.27 -6.44 -5.74
CA ALA A 185 -10.29 -7.55 -5.87
C ALA A 185 -10.86 -8.82 -5.23
N GLU A 186 -10.50 -9.99 -5.78
CA GLU A 186 -10.95 -11.32 -5.27
C GLU A 186 -10.08 -11.74 -4.09
N SER A 187 -8.95 -11.07 -3.86
CA SER A 187 -8.14 -11.18 -2.63
C SER A 187 -7.42 -9.86 -2.34
N SER A 188 -7.16 -9.60 -1.05
CA SER A 188 -6.54 -8.35 -0.53
C SER A 188 -5.34 -8.70 0.34
N GLY A 189 -4.30 -7.87 0.30
CA GLY A 189 -3.10 -7.98 1.16
C GLY A 189 -3.45 -7.78 2.63
N ASP A 190 -4.42 -6.91 2.92
CA ASP A 190 -4.80 -6.53 4.30
C ASP A 190 -6.17 -5.83 4.28
N MET A 191 -6.63 -5.33 5.43
CA MET A 191 -7.91 -4.58 5.54
C MET A 191 -7.63 -3.11 5.85
N ASP A 192 -8.11 -2.22 4.97
CA ASP A 192 -7.99 -0.74 5.10
C ASP A 192 -9.39 -0.18 5.39
N VAL A 193 -9.56 0.47 6.54
CA VAL A 193 -10.86 1.03 7.02
C VAL A 193 -10.76 2.55 7.09
N LEU A 194 -11.56 3.26 6.27
CA LEU A 194 -11.78 4.72 6.37
C LEU A 194 -12.90 4.94 7.38
N LEU A 195 -12.66 5.78 8.38
CA LEU A 195 -13.62 6.07 9.47
C LEU A 195 -13.93 7.58 9.47
N THR A 196 -15.21 7.91 9.63
CA THR A 196 -15.70 9.31 9.82
C THR A 196 -16.65 9.35 11.01
N HIS A 197 -16.73 10.51 11.66
CA HIS A 197 -17.70 10.86 12.73
C HIS A 197 -18.05 12.34 12.59
N PRO A 198 -19.34 12.73 12.70
CA PRO A 198 -19.74 14.14 12.56
C PRO A 198 -18.94 15.13 13.42
N SER A 199 -18.40 14.66 14.55
CA SER A 199 -17.71 15.50 15.58
C SER A 199 -16.25 15.76 15.19
N PHE A 200 -15.74 15.15 14.12
CA PHE A 200 -14.38 15.43 13.57
C PHE A 200 -14.51 15.94 12.13
N THR A 201 -14.31 17.25 11.96
CA THR A 201 -14.33 17.97 10.66
C THR A 201 -13.03 18.74 10.50
N SER A 202 -12.83 19.33 9.32
CA SER A 202 -11.68 20.24 9.00
C SER A 202 -11.72 21.48 9.90
N GLU A 203 -12.85 21.73 10.56
CA GLU A 203 -13.11 22.98 11.33
C GLU A 203 -12.97 22.76 12.85
N SER A 204 -13.31 21.57 13.36
CA SER A 204 -13.37 21.32 14.82
C SER A 204 -13.26 19.82 15.15
N THR A 205 -12.63 19.52 16.29
CA THR A 205 -12.65 18.21 17.00
C THR A 205 -13.59 18.35 18.20
N LYS A 206 -14.89 18.14 17.98
CA LYS A 206 -15.96 18.33 19.00
C LYS A 206 -15.88 17.22 20.06
N GLN A 207 -15.28 16.07 19.72
CA GLN A 207 -15.07 14.91 20.63
C GLN A 207 -13.64 14.42 20.52
N PRO A 208 -12.95 14.14 21.66
CA PRO A 208 -11.65 13.48 21.64
C PRO A 208 -11.75 11.95 21.66
N LYS A 209 -10.64 11.25 21.36
CA LYS A 209 -10.51 9.78 21.47
C LYS A 209 -11.48 9.07 20.52
N LEU A 210 -11.87 9.70 19.41
CA LEU A 210 -12.87 9.16 18.45
C LEU A 210 -12.34 7.85 17.84
N LEU A 211 -11.05 7.81 17.49
CA LEU A 211 -10.39 6.60 16.91
C LEU A 211 -10.16 5.57 18.03
N HIS A 212 -9.61 6.01 19.16
CA HIS A 212 -9.30 5.19 20.36
C HIS A 212 -10.51 4.31 20.72
N GLN A 213 -11.71 4.90 20.79
CA GLN A 213 -12.96 4.21 21.21
C GLN A 213 -13.26 3.04 20.27
N VAL A 214 -13.05 3.22 18.96
CA VAL A 214 -13.31 2.17 17.93
C VAL A 214 -12.26 1.05 18.07
N VAL A 215 -11.00 1.41 18.27
CA VAL A 215 -9.87 0.44 18.46
C VAL A 215 -10.18 -0.39 19.72
N GLU A 216 -10.55 0.26 20.83
CA GLU A 216 -10.88 -0.40 22.13
C GLU A 216 -11.99 -1.43 21.93
N GLN A 217 -13.10 -1.04 21.30
CA GLN A 217 -14.27 -1.93 21.02
C GLN A 217 -13.79 -3.15 20.21
N LEU A 218 -12.96 -2.93 19.19
CA LEU A 218 -12.44 -4.01 18.31
C LEU A 218 -11.47 -4.90 19.11
N GLN A 219 -10.75 -4.34 20.09
CA GLN A 219 -9.90 -5.13 21.03
C GLN A 219 -10.80 -5.92 21.98
N LYS A 220 -11.87 -5.30 22.50
CA LYS A 220 -12.79 -5.88 23.51
C LYS A 220 -13.38 -7.20 23.00
N VAL A 221 -13.78 -7.27 21.72
CA VAL A 221 -14.38 -8.48 21.09
C VAL A 221 -13.29 -9.32 20.41
N HIS A 222 -12.02 -9.06 20.73
CA HIS A 222 -10.83 -9.86 20.33
C HIS A 222 -10.70 -9.93 18.80
N PHE A 223 -11.11 -8.88 18.08
CA PHE A 223 -10.87 -8.76 16.62
C PHE A 223 -9.45 -8.20 16.42
N ILE A 224 -9.17 -7.00 16.93
CA ILE A 224 -7.79 -6.43 16.95
C ILE A 224 -7.00 -7.15 18.05
N THR A 225 -5.84 -7.72 17.69
CA THR A 225 -4.99 -8.59 18.54
C THR A 225 -3.67 -7.90 18.91
N ASP A 226 -3.19 -6.96 18.09
CA ASP A 226 -1.91 -6.24 18.31
C ASP A 226 -1.96 -4.84 17.69
N THR A 227 -1.12 -3.94 18.21
CA THR A 227 -0.94 -2.54 17.76
C THR A 227 0.51 -2.37 17.28
N LEU A 228 0.71 -1.97 16.02
CA LEU A 228 2.05 -1.63 15.47
C LEU A 228 2.33 -0.15 15.75
N SER A 229 1.34 0.71 15.49
CA SER A 229 1.38 2.16 15.81
C SER A 229 -0.06 2.68 15.96
N LYS A 230 -0.24 3.74 16.73
CA LYS A 230 -1.57 4.33 17.03
C LYS A 230 -1.40 5.81 17.38
N GLY A 231 -2.12 6.68 16.68
CA GLY A 231 -2.24 8.11 17.00
C GLY A 231 -3.69 8.55 16.96
N GLU A 232 -3.93 9.86 16.81
CA GLU A 232 -5.28 10.47 16.87
C GLU A 232 -6.07 10.14 15.60
N THR A 233 -5.41 9.95 14.45
CA THR A 233 -6.09 9.79 13.13
C THR A 233 -5.73 8.46 12.44
N LYS A 234 -4.62 7.79 12.78
CA LYS A 234 -4.20 6.55 12.07
C LYS A 234 -3.87 5.42 13.05
N PHE A 235 -4.55 4.29 12.90
CA PHE A 235 -4.23 3.01 13.59
C PHE A 235 -3.65 2.01 12.58
N MET A 236 -2.57 1.35 13.00
CA MET A 236 -1.86 0.31 12.24
C MET A 236 -1.66 -0.89 13.17
N GLY A 237 -2.36 -2.00 12.91
CA GLY A 237 -2.33 -3.15 13.83
C GLY A 237 -2.59 -4.48 13.14
N VAL A 238 -3.02 -5.44 13.96
CA VAL A 238 -3.24 -6.86 13.57
C VAL A 238 -4.64 -7.25 14.04
N CYS A 239 -5.36 -8.01 13.22
CA CYS A 239 -6.69 -8.57 13.55
C CYS A 239 -6.78 -10.03 13.11
N GLN A 240 -7.87 -10.69 13.45
CA GLN A 240 -8.11 -12.14 13.18
C GLN A 240 -9.61 -12.42 13.25
N LEU A 241 -10.15 -13.09 12.23
CA LEU A 241 -11.54 -13.63 12.27
C LEU A 241 -11.63 -14.67 13.37
N PRO A 242 -12.78 -14.76 14.09
CA PRO A 242 -13.02 -15.87 15.00
C PRO A 242 -13.25 -17.15 14.18
N SER A 243 -12.76 -18.28 14.70
CA SER A 243 -12.89 -19.64 14.09
C SER A 243 -13.87 -20.46 14.93
N LYS A 244 -14.56 -21.43 14.31
CA LYS A 244 -15.58 -22.28 14.97
C LYS A 244 -14.88 -23.44 15.70
N ASN A 245 -15.64 -24.24 16.46
CA ASN A 245 -15.14 -25.35 17.31
C ASN A 245 -14.33 -26.34 16.45
N ASP A 246 -13.13 -26.72 16.93
CA ASP A 246 -12.26 -27.80 16.41
C ASP A 246 -11.54 -27.37 15.12
N GLU A 247 -11.91 -26.24 14.51
CA GLU A 247 -11.36 -25.84 13.18
C GLU A 247 -10.12 -24.97 13.39
N LYS A 248 -9.17 -25.07 12.46
CA LYS A 248 -7.88 -24.31 12.44
C LYS A 248 -8.17 -22.80 12.52
N GLU A 249 -7.34 -22.05 13.25
CA GLU A 249 -7.46 -20.58 13.38
C GLU A 249 -7.21 -19.93 12.00
N TYR A 250 -7.92 -18.84 11.71
CA TYR A 250 -7.65 -17.97 10.53
C TYR A 250 -6.26 -17.36 10.72
N PRO A 251 -5.50 -17.07 9.64
CA PRO A 251 -4.25 -16.33 9.79
C PRO A 251 -4.52 -14.96 10.41
N HIS A 252 -3.56 -14.43 11.17
CA HIS A 252 -3.56 -13.02 11.63
C HIS A 252 -3.39 -12.11 10.41
N ARG A 253 -4.13 -11.01 10.36
CA ARG A 253 -4.20 -10.08 9.20
C ARG A 253 -3.78 -8.67 9.65
N ARG A 254 -3.19 -7.90 8.74
CA ARG A 254 -2.86 -6.48 8.96
C ARG A 254 -4.16 -5.68 8.81
N ILE A 255 -4.37 -4.70 9.71
CA ILE A 255 -5.51 -3.74 9.60
C ILE A 255 -4.96 -2.33 9.71
N ASP A 256 -5.36 -1.46 8.78
CA ASP A 256 -5.15 0.00 8.85
C ASP A 256 -6.52 0.65 9.05
N ILE A 257 -6.63 1.55 10.03
CA ILE A 257 -7.86 2.38 10.25
C ILE A 257 -7.41 3.84 10.18
N ARG A 258 -8.02 4.60 9.28
CA ARG A 258 -7.71 6.03 9.07
C ARG A 258 -8.97 6.85 9.35
N LEU A 259 -8.92 7.68 10.39
CA LEU A 259 -9.99 8.66 10.72
C LEU A 259 -9.77 9.92 9.87
N ILE A 260 -10.75 10.25 9.03
CA ILE A 260 -10.70 11.38 8.05
C ILE A 260 -11.78 12.38 8.44
N PRO A 261 -11.49 13.71 8.43
CA PRO A 261 -12.54 14.72 8.61
C PRO A 261 -13.74 14.42 7.73
N LYS A 262 -14.95 14.40 8.29
CA LYS A 262 -16.19 13.93 7.62
C LYS A 262 -16.49 14.80 6.39
N ASP A 263 -16.10 16.08 6.39
CA ASP A 263 -16.33 17.01 5.25
C ASP A 263 -15.28 16.77 4.15
N GLN A 264 -14.22 16.00 4.43
CA GLN A 264 -13.13 15.71 3.46
C GLN A 264 -13.15 14.23 3.09
N TYR A 265 -14.34 13.61 3.11
CA TYR A 265 -14.54 12.15 2.87
C TYR A 265 -14.05 11.75 1.47
N TYR A 266 -14.37 12.54 0.44
CA TYR A 266 -14.17 12.15 -1.00
C TYR A 266 -12.68 12.12 -1.33
N CYS A 267 -11.93 13.13 -0.89
CA CYS A 267 -10.44 13.16 -1.01
C CYS A 267 -9.86 12.00 -0.20
N GLY A 268 -10.42 11.75 0.98
CA GLY A 268 -10.03 10.64 1.87
C GLY A 268 -10.21 9.28 1.21
N VAL A 269 -11.41 9.02 0.67
CA VAL A 269 -11.75 7.68 0.08
C VAL A 269 -11.01 7.52 -1.25
N LEU A 270 -10.75 8.61 -1.97
CA LEU A 270 -9.93 8.58 -3.21
C LEU A 270 -8.53 8.09 -2.84
N TYR A 271 -7.91 8.72 -1.84
CA TYR A 271 -6.57 8.36 -1.30
C TYR A 271 -6.56 6.87 -0.93
N PHE A 272 -7.51 6.43 -0.11
CA PHE A 272 -7.47 5.12 0.58
C PHE A 272 -7.94 3.99 -0.35
N THR A 273 -8.60 4.31 -1.46
CA THR A 273 -8.99 3.31 -2.50
C THR A 273 -7.78 2.96 -3.38
N GLY A 274 -6.89 3.91 -3.64
CA GLY A 274 -5.68 3.69 -4.45
C GLY A 274 -6.04 3.22 -5.85
N SER A 275 -5.19 2.39 -6.47
CA SER A 275 -3.99 1.81 -5.87
C SER A 275 -2.92 2.89 -5.61
N ASP A 276 -1.82 2.49 -4.97
CA ASP A 276 -0.67 3.38 -4.66
C ASP A 276 -0.14 4.02 -5.94
N ILE A 277 0.00 3.23 -7.01
N ILE A 277 0.01 3.22 -7.00
CA ILE A 277 0.57 3.68 -8.32
CA ILE A 277 0.56 3.67 -8.33
C ILE A 277 -0.43 4.60 -9.03
C ILE A 277 -0.43 4.63 -8.99
N PHE A 278 -1.73 4.33 -8.91
CA PHE A 278 -2.82 5.18 -9.45
C PHE A 278 -2.80 6.55 -8.75
N ASN A 279 -2.62 6.56 -7.43
CA ASN A 279 -2.53 7.78 -6.58
C ASN A 279 -1.32 8.61 -7.03
N LYS A 280 -0.15 7.98 -7.19
CA LYS A 280 1.10 8.67 -7.61
C LYS A 280 0.89 9.29 -8.99
N ASN A 281 0.33 8.53 -9.93
CA ASN A 281 0.05 8.97 -11.33
C ASN A 281 -0.97 10.12 -11.29
N MET A 282 -2.05 9.99 -10.52
CA MET A 282 -3.13 11.01 -10.43
C MET A 282 -2.56 12.30 -9.82
N ARG A 283 -1.79 12.18 -8.73
CA ARG A 283 -1.20 13.33 -8.00
C ARG A 283 -0.11 13.99 -8.87
N ALA A 284 0.68 13.20 -9.60
CA ALA A 284 1.69 13.68 -10.58
C ALA A 284 0.98 14.47 -11.68
N HIS A 285 -0.13 13.95 -12.20
CA HIS A 285 -0.95 14.61 -13.26
C HIS A 285 -1.55 15.92 -12.74
N ALA A 286 -2.01 15.95 -11.48
CA ALA A 286 -2.58 17.14 -10.82
C ALA A 286 -1.57 18.29 -10.85
N LEU A 287 -0.30 18.02 -10.52
CA LEU A 287 0.82 19.02 -10.51
C LEU A 287 1.02 19.60 -11.92
N GLU A 288 0.99 18.75 -12.96
CA GLU A 288 1.09 19.15 -14.38
C GLU A 288 -0.05 20.14 -14.71
N LYS A 289 -1.23 19.96 -14.10
CA LYS A 289 -2.44 20.80 -14.30
C LYS A 289 -2.49 21.95 -13.28
N GLY A 290 -1.46 22.10 -12.44
CA GLY A 290 -1.33 23.20 -11.47
C GLY A 290 -2.23 23.01 -10.25
N PHE A 291 -2.37 21.77 -9.78
CA PHE A 291 -3.12 21.41 -8.54
C PHE A 291 -2.24 20.49 -7.68
N THR A 292 -2.53 20.46 -6.37
CA THR A 292 -1.94 19.46 -5.43
C THR A 292 -3.09 18.74 -4.73
N ILE A 293 -3.06 17.40 -4.74
CA ILE A 293 -4.05 16.52 -4.10
C ILE A 293 -3.37 15.78 -2.94
N ASN A 294 -3.98 15.81 -1.77
CA ASN A 294 -3.67 14.88 -0.64
C ASN A 294 -5.01 14.26 -0.21
N GLU A 295 -5.04 13.58 0.94
CA GLU A 295 -6.23 12.81 1.40
C GLU A 295 -7.30 13.74 1.98
N TYR A 296 -7.02 15.05 2.06
CA TYR A 296 -7.90 16.06 2.70
C TYR A 296 -8.54 16.95 1.63
N THR A 297 -7.74 17.47 0.70
CA THR A 297 -8.14 18.57 -0.22
C THR A 297 -7.49 18.42 -1.59
N ILE A 298 -8.09 19.06 -2.58
CA ILE A 298 -7.41 19.48 -3.85
C ILE A 298 -7.28 21.00 -3.78
N ARG A 299 -6.06 21.51 -4.00
N ARG A 299 -6.06 21.50 -4.00
CA ARG A 299 -5.71 22.95 -3.92
CA ARG A 299 -5.72 22.95 -3.92
C ARG A 299 -5.03 23.37 -5.22
C ARG A 299 -5.03 23.37 -5.22
N PRO A 300 -5.33 24.58 -5.74
CA PRO A 300 -4.60 25.11 -6.90
C PRO A 300 -3.21 25.61 -6.44
N LEU A 301 -2.22 25.57 -7.35
CA LEU A 301 -0.89 26.18 -7.17
C LEU A 301 -0.87 27.57 -7.81
N GLY A 302 -0.28 28.56 -7.13
CA GLY A 302 -0.05 29.92 -7.65
C GLY A 302 1.16 29.98 -8.56
N VAL A 303 1.53 31.17 -9.03
CA VAL A 303 2.73 31.42 -9.87
C VAL A 303 3.99 30.96 -9.12
N THR A 304 4.02 31.20 -7.79
CA THR A 304 5.13 30.83 -6.86
C THR A 304 5.33 29.32 -6.85
N GLY A 305 4.23 28.55 -6.80
CA GLY A 305 4.22 27.11 -6.52
C GLY A 305 3.70 26.83 -5.11
N VAL A 306 3.10 27.82 -4.46
CA VAL A 306 2.45 27.71 -3.12
C VAL A 306 1.01 27.23 -3.33
N ALA A 307 0.54 26.31 -2.49
CA ALA A 307 -0.83 25.74 -2.52
C ALA A 307 -1.83 26.81 -2.04
N GLY A 308 -2.85 27.10 -2.85
CA GLY A 308 -3.96 28.01 -2.50
C GLY A 308 -4.93 27.38 -1.53
N GLU A 309 -6.18 27.84 -1.52
CA GLU A 309 -7.24 27.37 -0.58
C GLU A 309 -7.90 26.11 -1.16
N PRO A 310 -8.42 25.21 -0.30
CA PRO A 310 -9.17 24.05 -0.76
C PRO A 310 -10.33 24.42 -1.70
N LEU A 311 -10.44 23.70 -2.83
CA LEU A 311 -11.55 23.83 -3.80
C LEU A 311 -12.73 22.99 -3.33
N PRO A 312 -13.98 23.33 -3.70
CA PRO A 312 -15.15 22.55 -3.28
C PRO A 312 -15.17 21.18 -3.98
N VAL A 313 -15.37 20.12 -3.20
CA VAL A 313 -15.46 18.70 -3.67
C VAL A 313 -16.76 18.10 -3.11
N ASP A 314 -17.67 17.67 -3.98
CA ASP A 314 -18.98 17.08 -3.62
C ASP A 314 -19.06 15.62 -4.08
N SER A 315 -17.96 15.06 -4.60
CA SER A 315 -17.89 13.68 -5.14
C SER A 315 -16.45 13.34 -5.52
N GLU A 316 -16.13 12.05 -5.63
CA GLU A 316 -14.83 11.56 -6.17
C GLU A 316 -14.61 12.16 -7.56
N LYS A 317 -15.65 12.11 -8.40
CA LYS A 317 -15.63 12.56 -9.82
C LYS A 317 -15.20 14.03 -9.90
N ASP A 318 -15.63 14.87 -8.95
CA ASP A 318 -15.27 16.32 -8.90
C ASP A 318 -13.75 16.48 -8.94
N ILE A 319 -13.00 15.59 -8.28
CA ILE A 319 -11.52 15.66 -8.18
C ILE A 319 -10.92 15.34 -9.55
N PHE A 320 -11.49 14.35 -10.25
CA PHE A 320 -11.12 13.96 -11.64
C PHE A 320 -11.40 15.13 -12.61
N ASP A 321 -12.55 15.80 -12.44
CA ASP A 321 -13.00 16.93 -13.32
C ASP A 321 -11.98 18.08 -13.24
N TYR A 322 -11.51 18.43 -12.05
CA TYR A 322 -10.54 19.53 -11.80
C TYR A 322 -9.26 19.31 -12.61
N ILE A 323 -8.74 18.08 -12.65
CA ILE A 323 -7.45 17.73 -13.32
C ILE A 323 -7.73 17.23 -14.75
N GLN A 324 -8.98 17.34 -15.20
CA GLN A 324 -9.42 17.04 -16.60
C GLN A 324 -9.09 15.58 -16.93
N TRP A 325 -9.42 14.67 -16.00
CA TRP A 325 -9.41 13.20 -16.20
C TRP A 325 -10.86 12.71 -16.29
N LYS A 326 -11.16 11.81 -17.23
CA LYS A 326 -12.42 11.02 -17.24
C LYS A 326 -12.43 10.15 -15.98
N TYR A 327 -13.61 10.01 -15.36
CA TYR A 327 -13.81 9.25 -14.11
C TYR A 327 -13.39 7.80 -14.35
N ARG A 328 -12.53 7.28 -13.48
CA ARG A 328 -12.18 5.84 -13.38
C ARG A 328 -12.85 5.28 -12.13
N GLU A 329 -13.75 4.30 -12.30
CA GLU A 329 -14.41 3.58 -11.18
C GLU A 329 -13.31 2.89 -10.36
N PRO A 330 -13.52 2.63 -9.05
CA PRO A 330 -12.54 1.95 -8.23
C PRO A 330 -11.88 0.73 -8.89
N LYS A 331 -12.66 -0.08 -9.60
CA LYS A 331 -12.22 -1.35 -10.23
C LYS A 331 -11.20 -1.09 -11.35
N ASP A 332 -11.16 0.11 -11.92
CA ASP A 332 -10.24 0.48 -13.02
C ASP A 332 -9.05 1.29 -12.47
N ARG A 333 -8.79 1.24 -11.15
CA ARG A 333 -7.68 1.99 -10.50
C ARG A 333 -6.59 1.01 -10.03
N SER A 334 -6.71 -0.29 -10.35
CA SER A 334 -5.78 -1.36 -9.91
C SER A 334 -4.65 -1.51 -10.93
N GLU A 335 -3.65 -2.35 -10.60
CA GLU A 335 -2.48 -2.66 -11.46
C GLU A 335 -2.67 -4.05 -12.09
#